data_6T8I
#
_entry.id   6T8I
#
_cell.length_a   74.578
_cell.length_b   74.578
_cell.length_c   133.540
_cell.angle_alpha   90.000
_cell.angle_beta   90.000
_cell.angle_gamma   120.000
#
_symmetry.space_group_name_H-M   'P 31 2 1'
#
loop_
_entity.id
_entity.type
_entity.pdbx_description
1 polymer 'Endo-beta-N-acetylglucosaminidase F1'
2 non-polymer GLYCEROL
3 water water
#
_entity_poly.entity_id   1
_entity_poly.type   'polypeptide(L)'
_entity_poly.pdbx_seq_one_letter_code
;GDDLEVGKNIDESAYSGIYENNAYLRDGKSNLVSKVVELHGETYATTVKMGLSKTPNTATSAKVKIDAAYLETYNKAHNT
DFALYPQDLVTFANEGILTVNANTKSAEVEMTIRAGEGLQEDKTYAIPVAISDQSSDITIKDEDAKHCIYLVKDMRNAGD
AYKGEGVMQGYLFFEVNDVNPLNTLSFQLENGKLLWDVVVLFAANINYDAEAGRPRVQCNPNVQYLLDNNETLLQPLRRR
GVKVLLGLLGNHDITGLAQLSEQGAKDFAREVAQYCKAYNLDGVNYDDEYSNSPDLSNPSLTNPSTAAAARLCYETKQAM
PDKLVTVFDWGQMYGVATVDGVDAKEWIDIVVANYGSAAYPIGQMTKKQCSGISMEFNLGGGGSLSASKAQSMIDGGYGW
FMGFAPSPAKYGSVFSRLQGGGEVLYGSNVAAPTIFYKKNDPTPYKYPDDL
;
_entity_poly.pdbx_strand_id   A
#
loop_
_chem_comp.id
_chem_comp.type
_chem_comp.name
_chem_comp.formula
GOL non-polymer GLYCEROL 'C3 H8 O3'
#
# COMPACT_ATOMS: atom_id res chain seq x y z
N ILE A 18 23.26 -12.66 -28.14
CA ILE A 18 24.18 -11.94 -27.28
C ILE A 18 24.11 -10.44 -27.54
N TYR A 19 23.62 -10.06 -28.73
CA TYR A 19 23.54 -8.65 -29.08
C TYR A 19 22.20 -8.02 -28.70
N GLU A 20 21.26 -8.81 -28.17
CA GLU A 20 19.97 -8.27 -27.76
C GLU A 20 20.13 -7.66 -26.38
N ASN A 21 20.21 -6.34 -26.33
CA ASN A 21 20.36 -5.62 -25.06
C ASN A 21 19.03 -4.94 -24.77
N ASN A 22 18.23 -5.56 -23.91
CA ASN A 22 16.90 -5.04 -23.61
C ASN A 22 16.98 -3.98 -22.54
N ALA A 23 16.29 -2.87 -22.75
CA ALA A 23 16.23 -1.78 -21.80
C ALA A 23 14.82 -1.65 -21.24
N TYR A 24 14.74 -1.20 -20.00
CA TYR A 24 13.47 -0.80 -19.42
C TYR A 24 13.73 0.33 -18.43
N LEU A 25 12.67 1.00 -18.02
CA LEU A 25 12.77 2.18 -17.18
C LEU A 25 12.12 1.92 -15.83
N ARG A 26 12.72 2.46 -14.78
CA ARG A 26 12.17 2.38 -13.43
C ARG A 26 12.66 3.56 -12.61
N ASP A 27 11.99 3.78 -11.48
CA ASP A 27 12.46 4.77 -10.52
C ASP A 27 13.70 4.25 -9.83
N GLY A 28 14.75 5.06 -9.80
CA GLY A 28 16.04 4.62 -9.29
C GLY A 28 16.08 4.41 -7.79
N LYS A 29 15.33 5.19 -7.02
CA LYS A 29 15.41 5.06 -5.58
C LYS A 29 14.65 3.83 -5.08
N SER A 30 13.47 3.58 -5.65
CA SER A 30 12.61 2.48 -5.20
C SER A 30 12.78 1.22 -6.04
N ASN A 31 13.35 1.34 -7.24
CA ASN A 31 13.46 0.26 -8.20
C ASN A 31 12.12 -0.25 -8.69
N LEU A 32 11.08 0.59 -8.58
CA LEU A 32 9.75 0.25 -9.06
C LEU A 32 9.47 0.93 -10.40
N VAL A 33 8.81 0.20 -11.30
CA VAL A 33 8.37 0.76 -12.58
CA VAL A 33 8.39 0.79 -12.57
C VAL A 33 7.15 1.65 -12.40
N SER A 34 6.40 1.45 -11.32
CA SER A 34 5.25 2.27 -10.96
CA SER A 34 5.26 2.28 -10.96
C SER A 34 5.44 2.69 -9.50
N LYS A 35 5.62 3.98 -9.27
CA LYS A 35 5.97 4.47 -7.93
C LYS A 35 4.99 5.55 -7.50
N VAL A 36 4.34 5.33 -6.37
CA VAL A 36 3.50 6.34 -5.74
C VAL A 36 4.41 7.28 -4.95
N VAL A 37 4.28 8.58 -5.21
CA VAL A 37 5.05 9.61 -4.53
C VAL A 37 4.07 10.46 -3.73
N GLU A 38 4.31 10.56 -2.42
CA GLU A 38 3.55 11.45 -1.56
C GLU A 38 4.41 12.67 -1.26
N LEU A 39 3.91 13.84 -1.61
CA LEU A 39 4.63 15.08 -1.38
C LEU A 39 4.29 15.60 0.01
N HIS A 40 5.30 15.61 0.89
CA HIS A 40 5.19 16.21 2.21
C HIS A 40 5.97 17.51 2.32
N GLY A 41 6.64 17.93 1.25
CA GLY A 41 7.38 19.17 1.23
C GLY A 41 7.33 19.78 -0.16
N GLU A 42 8.18 20.77 -0.42
CA GLU A 42 8.08 21.50 -1.68
C GLU A 42 8.74 20.78 -2.85
N THR A 43 9.66 19.84 -2.59
CA THR A 43 10.32 19.13 -3.67
C THR A 43 10.53 17.66 -3.29
N TYR A 44 10.61 16.82 -4.32
CA TYR A 44 10.90 15.40 -4.21
C TYR A 44 11.92 15.10 -5.28
N ALA A 45 13.06 14.53 -4.90
CA ALA A 45 14.15 14.28 -5.82
C ALA A 45 14.43 12.80 -5.90
N THR A 46 14.63 12.31 -7.11
CA THR A 46 14.93 10.90 -7.34
C THR A 46 15.76 10.79 -8.60
N THR A 47 15.93 9.57 -9.08
CA THR A 47 16.53 9.33 -10.38
C THR A 47 15.58 8.44 -11.15
N VAL A 48 15.64 8.58 -12.48
CA VAL A 48 15.04 7.63 -13.40
C VAL A 48 16.18 6.77 -13.91
N LYS A 49 15.99 5.45 -13.87
CA LYS A 49 17.06 4.52 -14.17
C LYS A 49 16.65 3.61 -15.32
N MET A 50 17.46 3.59 -16.37
CA MET A 50 17.32 2.62 -17.44
C MET A 50 18.21 1.43 -17.12
N GLY A 51 17.63 0.25 -17.00
CA GLY A 51 18.38 -0.97 -16.78
C GLY A 51 18.59 -1.71 -18.09
N LEU A 52 19.77 -2.32 -18.22
CA LEU A 52 20.15 -3.03 -19.43
C LEU A 52 20.43 -4.49 -19.10
N SER A 53 20.08 -5.38 -20.03
CA SER A 53 20.30 -6.80 -19.83
C SER A 53 21.71 -7.22 -20.23
N LYS A 54 22.43 -6.39 -20.98
CA LYS A 54 23.80 -6.69 -21.38
C LYS A 54 24.68 -5.46 -21.14
N THR A 55 25.98 -5.70 -21.07
CA THR A 55 26.93 -4.61 -20.88
C THR A 55 26.88 -3.67 -22.08
N PRO A 56 26.73 -2.35 -21.86
CA PRO A 56 26.71 -1.41 -22.99
C PRO A 56 28.10 -1.23 -23.57
N ASN A 57 28.14 -0.64 -24.76
CA ASN A 57 29.39 -0.26 -25.40
C ASN A 57 29.60 1.24 -25.27
N THR A 58 30.72 1.74 -25.79
CA THR A 58 31.06 3.13 -25.54
C THR A 58 30.15 4.10 -26.27
N ALA A 59 29.34 3.65 -27.22
CA ALA A 59 28.43 4.52 -27.95
C ALA A 59 27.00 4.48 -27.42
N THR A 60 26.68 3.57 -26.50
CA THR A 60 25.32 3.45 -25.99
C THR A 60 24.86 4.76 -25.36
N SER A 61 23.63 5.15 -25.66
CA SER A 61 23.11 6.44 -25.23
C SER A 61 21.59 6.38 -25.15
N ALA A 62 21.02 7.24 -24.32
CA ALA A 62 19.56 7.42 -24.31
C ALA A 62 19.19 8.64 -23.48
N LYS A 63 17.96 9.11 -23.70
CA LYS A 63 17.38 10.21 -22.93
C LYS A 63 16.03 9.76 -22.38
N VAL A 64 15.51 10.55 -21.44
CA VAL A 64 14.14 10.35 -20.95
C VAL A 64 13.36 11.64 -21.15
N LYS A 65 12.04 11.49 -21.28
CA LYS A 65 11.13 12.61 -21.48
C LYS A 65 9.80 12.26 -20.85
N ILE A 66 9.04 13.27 -20.46
CA ILE A 66 7.65 13.03 -20.11
C ILE A 66 6.87 12.71 -21.38
N ASP A 67 6.07 11.65 -21.33
CA ASP A 67 5.31 11.18 -22.50
C ASP A 67 3.83 11.32 -22.16
N ALA A 68 3.31 12.53 -22.35
CA ALA A 68 1.93 12.80 -21.97
C ALA A 68 0.95 11.90 -22.71
N ALA A 69 1.23 11.59 -23.98
CA ALA A 69 0.32 10.76 -24.76
C ALA A 69 0.16 9.38 -24.16
N TYR A 70 1.21 8.86 -23.51
CA TYR A 70 1.14 7.53 -22.91
C TYR A 70 0.12 7.47 -21.78
N LEU A 71 -0.19 8.61 -21.14
CA LEU A 71 -1.13 8.57 -20.03
C LEU A 71 -2.50 8.05 -20.48
N GLU A 72 -2.93 8.41 -21.68
CA GLU A 72 -4.19 7.88 -22.18
C GLU A 72 -4.13 6.37 -22.31
N THR A 73 -3.03 5.86 -22.86
CA THR A 73 -2.85 4.42 -23.01
C THR A 73 -2.81 3.74 -21.64
N TYR A 74 -2.12 4.35 -20.68
CA TYR A 74 -2.01 3.78 -19.34
C TYR A 74 -3.37 3.77 -18.64
N ASN A 75 -4.08 4.90 -18.69
CA ASN A 75 -5.39 4.95 -18.04
C ASN A 75 -6.34 3.92 -18.64
N LYS A 76 -6.28 3.71 -19.96
CA LYS A 76 -7.12 2.69 -20.58
C LYS A 76 -6.75 1.30 -20.10
N ALA A 77 -5.45 1.00 -20.01
CA ALA A 77 -5.02 -0.33 -19.61
C ALA A 77 -5.44 -0.66 -18.19
N HIS A 78 -5.46 0.33 -17.30
CA HIS A 78 -5.76 0.12 -15.90
C HIS A 78 -7.17 0.54 -15.52
N ASN A 79 -7.96 1.02 -16.46
CA ASN A 79 -9.29 1.57 -16.20
C ASN A 79 -9.25 2.62 -15.08
N THR A 80 -8.27 3.52 -15.19
CA THR A 80 -8.09 4.61 -14.25
C THR A 80 -8.31 5.93 -14.98
N ASP A 81 -8.25 7.03 -14.23
CA ASP A 81 -8.55 8.34 -14.79
C ASP A 81 -7.59 9.40 -14.27
N PHE A 82 -6.33 9.03 -14.09
CA PHE A 82 -5.38 9.97 -13.52
C PHE A 82 -5.13 11.15 -14.47
N ALA A 83 -5.07 12.35 -13.91
CA ALA A 83 -4.68 13.54 -14.64
C ALA A 83 -3.16 13.66 -14.68
N LEU A 84 -2.67 14.40 -15.67
CA LEU A 84 -1.24 14.62 -15.85
C LEU A 84 -0.73 15.65 -14.84
N TYR A 85 0.32 15.30 -14.12
CA TYR A 85 0.95 16.26 -13.23
C TYR A 85 1.52 17.40 -14.08
N PRO A 86 1.40 18.66 -13.62
CA PRO A 86 1.90 19.78 -14.44
C PRO A 86 3.35 19.58 -14.85
N GLN A 87 3.62 19.54 -16.16
CA GLN A 87 4.97 19.20 -16.63
C GLN A 87 5.99 20.26 -16.22
N ASP A 88 5.55 21.50 -16.02
CA ASP A 88 6.46 22.56 -15.60
C ASP A 88 7.05 22.31 -14.22
N LEU A 89 6.44 21.44 -13.42
CA LEU A 89 6.91 21.16 -12.08
C LEU A 89 7.91 20.01 -12.04
N VAL A 90 8.19 19.39 -13.20
CA VAL A 90 9.04 18.21 -13.28
C VAL A 90 10.24 18.56 -14.13
N THR A 91 11.44 18.39 -13.58
CA THR A 91 12.67 18.72 -14.29
CA THR A 91 12.68 18.74 -14.24
C THR A 91 13.66 17.57 -14.19
N PHE A 92 14.44 17.42 -15.25
CA PHE A 92 15.49 16.43 -15.34
C PHE A 92 16.83 17.13 -15.46
N ALA A 93 17.86 16.56 -14.85
CA ALA A 93 19.21 17.05 -15.06
C ALA A 93 19.66 16.74 -16.50
N ASN A 94 20.65 17.51 -16.95
CA ASN A 94 21.40 17.20 -18.18
C ASN A 94 20.47 16.95 -19.37
N GLU A 95 19.42 17.76 -19.48
CA GLU A 95 18.50 17.72 -20.61
C GLU A 95 17.83 16.36 -20.75
N GLY A 96 17.76 15.60 -19.67
CA GLY A 96 17.18 14.27 -19.70
C GLY A 96 18.09 13.20 -20.26
N ILE A 97 19.36 13.52 -20.51
CA ILE A 97 20.30 12.54 -21.06
C ILE A 97 20.71 11.61 -19.93
N LEU A 98 20.68 10.31 -20.20
CA LEU A 98 21.02 9.32 -19.20
C LEU A 98 22.52 9.08 -19.22
N THR A 99 23.13 9.13 -18.03
CA THR A 99 24.54 8.83 -17.88
C THR A 99 24.72 7.32 -17.76
N VAL A 100 25.42 6.73 -18.72
CA VAL A 100 25.60 5.28 -18.76
C VAL A 100 26.72 4.87 -17.83
N ASN A 101 26.46 3.85 -17.02
CA ASN A 101 27.47 3.22 -16.17
C ASN A 101 27.68 1.81 -16.72
N ALA A 102 28.72 1.64 -17.55
CA ALA A 102 28.95 0.36 -18.19
C ALA A 102 29.12 -0.76 -17.18
N ASN A 103 29.67 -0.46 -16.01
CA ASN A 103 29.97 -1.48 -15.01
C ASN A 103 28.74 -1.99 -14.28
N THR A 104 27.65 -1.22 -14.28
CA THR A 104 26.43 -1.63 -13.59
C THR A 104 25.26 -1.87 -14.55
N LYS A 105 25.53 -1.96 -15.86
CA LYS A 105 24.48 -2.25 -16.83
C LYS A 105 23.28 -1.32 -16.64
N SER A 106 23.56 -0.03 -16.46
CA SER A 106 22.49 0.90 -16.17
C SER A 106 22.87 2.31 -16.60
N ALA A 107 21.86 3.17 -16.63
CA ALA A 107 22.01 4.58 -16.94
C ALA A 107 20.97 5.33 -16.13
N GLU A 108 21.34 6.49 -15.63
CA GLU A 108 20.46 7.21 -14.72
C GLU A 108 20.51 8.71 -14.99
N VAL A 109 19.45 9.40 -14.58
CA VAL A 109 19.40 10.86 -14.61
C VAL A 109 18.54 11.33 -13.45
N GLU A 110 18.96 12.43 -12.82
CA GLU A 110 18.20 13.00 -11.72
C GLU A 110 16.90 13.63 -12.22
N MET A 111 15.83 13.44 -11.46
CA MET A 111 14.54 14.04 -11.71
C MET A 111 14.05 14.68 -10.42
N THR A 112 13.55 15.91 -10.50
CA THR A 112 12.98 16.59 -9.35
C THR A 112 11.51 16.89 -9.62
N ILE A 113 10.66 16.55 -8.65
CA ILE A 113 9.24 16.87 -8.67
C ILE A 113 9.02 18.00 -7.67
N ARG A 114 8.56 19.14 -8.16
CA ARG A 114 8.24 20.27 -7.31
C ARG A 114 6.76 20.25 -6.99
N ALA A 115 6.41 20.57 -5.75
CA ALA A 115 5.01 20.69 -5.39
C ALA A 115 4.45 21.99 -5.98
N GLY A 116 3.22 21.92 -6.47
CA GLY A 116 2.59 23.04 -7.15
C GLY A 116 1.36 23.55 -6.41
N GLU A 117 0.82 24.63 -6.95
CA GLU A 117 -0.38 25.27 -6.42
C GLU A 117 -1.57 24.98 -7.33
N GLY A 118 -2.77 24.98 -6.75
CA GLY A 118 -3.99 24.95 -7.51
C GLY A 118 -4.49 23.60 -7.97
N LEU A 119 -3.77 22.52 -7.70
CA LEU A 119 -4.10 21.18 -8.10
C LEU A 119 -5.03 20.59 -7.05
N GLN A 120 -5.96 19.72 -7.50
CA GLN A 120 -7.07 19.40 -6.60
C GLN A 120 -6.68 18.40 -5.51
N GLU A 121 -7.15 18.67 -4.30
CA GLU A 121 -6.88 17.84 -3.12
C GLU A 121 -7.39 16.41 -3.31
N ASP A 122 -6.69 15.48 -2.67
CA ASP A 122 -7.09 14.08 -2.64
C ASP A 122 -7.20 13.51 -4.06
N LYS A 123 -6.28 13.90 -4.93
CA LYS A 123 -6.27 13.48 -6.32
C LYS A 123 -4.88 13.00 -6.69
N THR A 124 -4.82 11.89 -7.41
CA THR A 124 -3.54 11.34 -7.86
C THR A 124 -3.25 11.82 -9.28
N TYR A 125 -2.05 12.37 -9.47
CA TYR A 125 -1.60 12.82 -10.77
C TYR A 125 -0.53 11.87 -11.28
N ALA A 126 -0.25 11.92 -12.58
CA ALA A 126 0.67 10.98 -13.19
C ALA A 126 1.80 11.70 -13.90
N ILE A 127 3.01 11.16 -13.75
CA ILE A 127 4.15 11.53 -14.57
C ILE A 127 4.60 10.29 -15.35
N PRO A 128 4.17 10.14 -16.60
CA PRO A 128 4.69 9.05 -17.44
C PRO A 128 6.00 9.46 -18.08
N VAL A 129 7.03 8.65 -17.87
CA VAL A 129 8.37 8.95 -18.39
C VAL A 129 8.72 7.86 -19.39
N ALA A 130 9.29 8.28 -20.52
CA ALA A 130 9.64 7.36 -21.60
C ALA A 130 11.12 7.46 -21.91
N ILE A 131 11.71 6.30 -22.28
CA ILE A 131 13.00 6.31 -22.96
C ILE A 131 12.82 6.92 -24.33
N SER A 132 13.77 7.76 -24.73
CA SER A 132 13.70 8.47 -26.00
CA SER A 132 13.70 8.44 -26.01
C SER A 132 15.10 8.57 -26.59
N ASP A 133 15.17 8.57 -27.91
CA ASP A 133 16.42 8.78 -28.65
C ASP A 133 17.51 7.81 -28.23
N GLN A 134 17.14 6.56 -27.96
CA GLN A 134 18.13 5.57 -27.58
C GLN A 134 18.94 5.12 -28.80
N SER A 135 20.19 4.74 -28.55
CA SER A 135 21.05 4.24 -29.61
C SER A 135 20.54 2.90 -30.12
N SER A 136 20.94 2.56 -31.36
CA SER A 136 20.36 1.40 -32.01
C SER A 136 20.82 0.07 -31.42
N ASP A 137 21.85 0.07 -30.58
CA ASP A 137 22.23 -1.17 -29.88
C ASP A 137 21.25 -1.55 -28.78
N ILE A 138 20.30 -0.67 -28.43
CA ILE A 138 19.35 -0.93 -27.34
C ILE A 138 18.04 -1.41 -27.94
N THR A 139 17.47 -2.45 -27.35
CA THR A 139 16.16 -2.96 -27.72
C THR A 139 15.15 -2.63 -26.63
N ILE A 140 14.02 -2.04 -27.02
CA ILE A 140 12.91 -1.79 -26.12
C ILE A 140 11.77 -2.68 -26.58
N LYS A 141 11.45 -3.69 -25.77
CA LYS A 141 10.55 -4.76 -26.21
C LYS A 141 9.15 -4.24 -26.49
N ASP A 142 8.62 -3.41 -25.60
CA ASP A 142 7.24 -2.95 -25.74
C ASP A 142 7.09 -1.61 -25.04
N GLU A 143 5.86 -1.09 -25.05
CA GLU A 143 5.59 0.19 -24.41
C GLU A 143 5.70 0.12 -22.90
N ASP A 144 5.50 -1.05 -22.30
CA ASP A 144 5.72 -1.18 -20.86
C ASP A 144 7.17 -0.96 -20.51
N ALA A 145 8.08 -1.61 -21.24
CA ALA A 145 9.51 -1.43 -20.97
C ALA A 145 9.95 -0.01 -21.26
N LYS A 146 9.31 0.65 -22.21
CA LYS A 146 9.71 1.99 -22.60
CA LYS A 146 9.71 1.99 -22.61
C LYS A 146 9.43 3.02 -21.52
N HIS A 147 8.52 2.73 -20.61
CA HIS A 147 8.05 3.73 -19.67
C HIS A 147 8.18 3.30 -18.23
N CYS A 148 8.29 4.28 -17.35
CA CYS A 148 7.93 4.13 -15.95
C CYS A 148 6.92 5.22 -15.63
N ILE A 149 6.31 5.12 -14.44
CA ILE A 149 5.26 6.07 -14.08
C ILE A 149 5.37 6.43 -12.61
N TYR A 150 5.22 7.71 -12.33
CA TYR A 150 5.08 8.23 -10.97
C TYR A 150 3.64 8.65 -10.76
N LEU A 151 3.06 8.21 -9.66
CA LEU A 151 1.69 8.54 -9.28
C LEU A 151 1.79 9.45 -8.06
N VAL A 152 1.51 10.74 -8.27
CA VAL A 152 1.86 11.78 -7.31
C VAL A 152 0.63 12.25 -6.57
N LYS A 153 0.74 12.34 -5.23
CA LYS A 153 -0.31 12.88 -4.39
C LYS A 153 0.28 13.96 -3.48
N ASP A 154 -0.38 15.10 -3.41
CA ASP A 154 0.04 16.22 -2.57
C ASP A 154 -0.50 15.98 -1.16
N MET A 155 0.40 15.76 -0.20
CA MET A 155 0.01 15.49 1.17
C MET A 155 0.44 16.59 2.13
N ARG A 156 0.75 17.77 1.61
CA ARG A 156 1.37 18.80 2.43
C ARG A 156 0.47 19.24 3.58
N ASN A 157 -0.84 19.22 3.39
CA ASN A 157 -1.79 19.63 4.42
C ASN A 157 -2.19 18.48 5.33
N ALA A 158 -1.81 17.26 4.99
CA ALA A 158 -2.25 16.07 5.70
C ALA A 158 -1.07 15.44 6.44
N GLY A 159 -0.31 16.26 7.15
CA GLY A 159 0.91 15.80 7.77
C GLY A 159 0.78 15.26 9.17
N ASP A 160 -0.42 15.23 9.75
CA ASP A 160 -0.52 14.81 11.14
C ASP A 160 -0.08 13.37 11.34
N ALA A 161 -0.34 12.50 10.39
CA ALA A 161 0.15 11.13 10.49
C ALA A 161 1.58 10.96 10.00
N TYR A 162 2.15 12.00 9.39
CA TYR A 162 3.49 11.91 8.81
C TYR A 162 4.51 12.29 9.88
N LYS A 163 5.30 11.31 10.29
CA LYS A 163 6.24 11.47 11.38
C LYS A 163 7.68 11.60 10.89
N GLY A 164 7.86 11.77 9.59
CA GLY A 164 9.18 12.04 9.04
C GLY A 164 9.53 11.11 7.91
N GLU A 165 10.50 11.49 7.10
CA GLU A 165 10.92 10.65 5.99
C GLU A 165 11.64 9.42 6.51
N GLY A 166 11.16 8.25 6.11
CA GLY A 166 11.83 7.00 6.42
C GLY A 166 11.62 6.45 7.82
N VAL A 167 10.78 7.06 8.65
CA VAL A 167 10.52 6.52 9.98
C VAL A 167 9.71 5.23 9.88
N MET A 168 9.73 4.45 10.95
CA MET A 168 8.82 3.32 11.04
C MET A 168 7.39 3.82 11.10
N GLN A 169 6.46 3.01 10.59
CA GLN A 169 5.06 3.40 10.48
C GLN A 169 4.16 2.36 11.10
N GLY A 170 2.97 2.80 11.53
CA GLY A 170 2.02 1.93 12.18
C GLY A 170 0.92 1.44 11.26
N TYR A 171 0.48 0.20 11.50
CA TYR A 171 -0.54 -0.49 10.71
C TYR A 171 -1.52 -1.12 11.69
N LEU A 172 -2.76 -0.64 11.71
CA LEU A 172 -3.72 -0.99 12.76
C LEU A 172 -5.00 -1.54 12.17
N PHE A 173 -5.45 -2.70 12.68
CA PHE A 173 -6.74 -3.26 12.30
C PHE A 173 -7.78 -2.91 13.36
N PHE A 174 -8.93 -2.40 12.94
CA PHE A 174 -10.09 -2.29 13.81
C PHE A 174 -11.10 -3.37 13.48
N GLU A 175 -11.61 -4.03 14.53
CA GLU A 175 -12.74 -4.94 14.40
CA GLU A 175 -12.74 -4.94 14.38
C GLU A 175 -13.99 -4.07 14.35
N VAL A 176 -14.37 -3.66 13.14
CA VAL A 176 -15.42 -2.65 12.99
C VAL A 176 -16.80 -3.18 13.28
N ASN A 177 -16.96 -4.49 13.48
CA ASN A 177 -18.21 -4.98 14.03
C ASN A 177 -18.51 -4.29 15.35
N ASP A 178 -17.46 -3.96 16.11
CA ASP A 178 -17.60 -3.51 17.49
C ASP A 178 -17.02 -2.14 17.78
N VAL A 179 -16.01 -1.70 17.05
CA VAL A 179 -15.22 -0.52 17.42
C VAL A 179 -15.19 0.49 16.28
N ASN A 180 -15.44 1.76 16.61
CA ASN A 180 -15.40 2.87 15.66
C ASN A 180 -13.95 3.17 15.26
N PRO A 181 -13.63 3.18 13.96
CA PRO A 181 -12.26 3.50 13.55
C PRO A 181 -11.85 4.94 13.82
N LEU A 182 -12.78 5.84 14.15
CA LEU A 182 -12.36 7.17 14.59
C LEU A 182 -11.46 7.09 15.82
N ASN A 183 -11.48 5.96 16.54
CA ASN A 183 -10.55 5.76 17.66
C ASN A 183 -9.09 5.79 17.24
N THR A 184 -8.81 5.77 15.94
CA THR A 184 -7.47 6.09 15.46
C THR A 184 -6.97 7.38 16.11
N LEU A 185 -7.88 8.36 16.27
CA LEU A 185 -7.51 9.66 16.78
C LEU A 185 -7.20 9.65 18.27
N SER A 186 -7.47 8.54 18.96
CA SER A 186 -7.08 8.43 20.36
C SER A 186 -5.57 8.26 20.53
N PHE A 187 -4.86 7.94 19.45
CA PHE A 187 -3.44 7.55 19.52
C PHE A 187 -2.58 8.64 18.91
N GLN A 188 -2.01 9.47 19.78
CA GLN A 188 -1.15 10.57 19.36
C GLN A 188 0.14 10.53 20.15
N LEU A 189 1.20 11.05 19.55
CA LEU A 189 2.40 11.33 20.31
C LEU A 189 2.19 12.58 21.16
N GLU A 190 3.13 12.84 22.07
CA GLU A 190 3.05 14.04 22.90
C GLU A 190 3.08 15.30 22.05
N ASN A 191 3.56 15.22 20.81
CA ASN A 191 3.61 16.36 19.91
C ASN A 191 2.40 16.41 18.98
N GLY A 192 1.41 15.55 19.20
CA GLY A 192 0.19 15.57 18.44
C GLY A 192 0.18 14.72 17.19
N LYS A 193 1.34 14.23 16.74
CA LYS A 193 1.35 13.39 15.55
C LYS A 193 0.52 12.14 15.80
N LEU A 194 -0.19 11.68 14.76
CA LEU A 194 -0.96 10.45 14.88
C LEU A 194 -0.05 9.25 14.73
N LEU A 195 -0.23 8.26 15.60
CA LEU A 195 0.64 7.09 15.62
C LEU A 195 0.43 6.20 14.40
N TRP A 196 -0.83 5.97 14.00
CA TRP A 196 -1.17 4.90 13.06
C TRP A 196 -1.30 5.43 11.63
N ASP A 197 -0.27 5.20 10.83
CA ASP A 197 -0.23 5.67 9.45
C ASP A 197 -1.29 4.99 8.59
N VAL A 198 -1.57 3.72 8.85
CA VAL A 198 -2.48 2.92 8.04
C VAL A 198 -3.44 2.22 8.99
N VAL A 199 -4.74 2.27 8.67
CA VAL A 199 -5.74 1.55 9.44
C VAL A 199 -6.57 0.69 8.50
N VAL A 200 -6.99 -0.46 8.99
CA VAL A 200 -7.78 -1.44 8.23
C VAL A 200 -9.16 -1.57 8.86
N LEU A 201 -10.18 -1.49 8.02
CA LEU A 201 -11.55 -1.80 8.42
C LEU A 201 -11.76 -3.31 8.27
N PHE A 202 -11.66 -4.03 9.38
CA PHE A 202 -11.67 -5.50 9.37
C PHE A 202 -13.06 -5.97 9.78
N ALA A 203 -13.81 -6.57 8.86
CA ALA A 203 -13.45 -6.83 7.47
C ALA A 203 -14.69 -7.02 6.63
N ALA A 204 -14.65 -6.55 5.38
CA ALA A 204 -15.55 -7.07 4.37
C ALA A 204 -15.17 -8.50 4.03
N ASN A 205 -16.06 -9.21 3.35
CA ASN A 205 -15.87 -10.61 3.07
C ASN A 205 -15.89 -10.89 1.57
N ILE A 206 -15.24 -11.98 1.20
CA ILE A 206 -15.49 -12.62 -0.08
C ILE A 206 -16.51 -13.73 0.16
N ASN A 207 -17.56 -13.75 -0.67
CA ASN A 207 -18.60 -14.76 -0.55
C ASN A 207 -19.12 -15.08 -1.94
N TYR A 208 -19.77 -16.23 -2.05
CA TYR A 208 -20.32 -16.65 -3.33
C TYR A 208 -21.68 -16.00 -3.55
N ASP A 209 -21.87 -15.45 -4.75
CA ASP A 209 -23.15 -14.92 -5.21
C ASP A 209 -23.74 -15.98 -6.13
N ALA A 210 -24.73 -16.72 -5.62
CA ALA A 210 -25.32 -17.80 -6.40
C ALA A 210 -26.05 -17.27 -7.63
N GLU A 211 -26.81 -16.18 -7.49
CA GLU A 211 -27.55 -15.69 -8.65
C GLU A 211 -26.60 -15.25 -9.75
N ALA A 212 -25.40 -14.77 -9.39
CA ALA A 212 -24.41 -14.40 -10.38
C ALA A 212 -23.42 -15.51 -10.70
N GLY A 213 -23.38 -16.57 -9.89
CA GLY A 213 -22.42 -17.64 -10.11
C GLY A 213 -20.98 -17.21 -10.00
N ARG A 214 -20.69 -16.21 -9.19
CA ARG A 214 -19.34 -15.65 -9.09
C ARG A 214 -19.12 -15.19 -7.65
N PRO A 215 -17.88 -15.10 -7.21
CA PRO A 215 -17.60 -14.43 -5.94
C PRO A 215 -17.97 -12.96 -6.00
N ARG A 216 -18.24 -12.39 -4.83
CA ARG A 216 -18.47 -10.95 -4.72
C ARG A 216 -17.94 -10.46 -3.38
N VAL A 217 -17.73 -9.15 -3.30
CA VAL A 217 -17.52 -8.52 -2.00
C VAL A 217 -18.85 -8.49 -1.26
N GLN A 218 -18.85 -9.00 -0.03
CA GLN A 218 -20.03 -9.00 0.81
C GLN A 218 -19.71 -8.28 2.11
N CYS A 219 -20.47 -7.24 2.42
CA CYS A 219 -20.24 -6.44 3.61
C CYS A 219 -21.38 -6.67 4.61
N ASN A 220 -21.01 -7.01 5.85
CA ASN A 220 -21.98 -7.09 6.92
C ASN A 220 -22.50 -5.68 7.22
N PRO A 221 -23.60 -5.57 7.98
CA PRO A 221 -24.21 -4.23 8.16
C PRO A 221 -23.32 -3.23 8.85
N ASN A 222 -22.37 -3.68 9.67
CA ASN A 222 -21.47 -2.76 10.35
C ASN A 222 -20.44 -2.20 9.38
N VAL A 223 -19.85 -3.05 8.55
CA VAL A 223 -18.97 -2.58 7.50
C VAL A 223 -19.73 -1.66 6.56
N GLN A 224 -20.92 -2.07 6.13
CA GLN A 224 -21.68 -1.26 5.18
C GLN A 224 -22.01 0.10 5.76
N TYR A 225 -22.36 0.16 7.04
CA TYR A 225 -22.70 1.44 7.65
C TYR A 225 -21.51 2.39 7.62
N LEU A 226 -20.32 1.87 7.91
CA LEU A 226 -19.12 2.70 7.86
CA LEU A 226 -19.11 2.68 7.86
C LEU A 226 -18.88 3.23 6.45
N LEU A 227 -19.00 2.36 5.44
CA LEU A 227 -18.77 2.80 4.07
C LEU A 227 -19.81 3.84 3.67
N ASP A 228 -21.08 3.57 3.96
CA ASP A 228 -22.12 4.54 3.61
C ASP A 228 -21.88 5.88 4.28
N ASN A 229 -21.36 5.85 5.51
CA ASN A 229 -21.10 7.05 6.28
C ASN A 229 -19.62 7.42 6.32
N ASN A 230 -18.90 7.12 5.24
CA ASN A 230 -17.46 7.36 5.25
C ASN A 230 -17.14 8.84 5.43
N GLU A 231 -18.01 9.73 4.98
N GLU A 231 -18.01 9.73 4.97
CA GLU A 231 -17.70 11.16 5.09
CA GLU A 231 -17.73 11.16 5.09
C GLU A 231 -17.55 11.61 6.53
C GLU A 231 -17.50 11.56 6.54
N THR A 232 -18.30 11.00 7.46
CA THR A 232 -18.21 11.39 8.87
C THR A 232 -17.38 10.43 9.73
N LEU A 233 -17.24 9.17 9.33
CA LEU A 233 -16.58 8.18 10.17
C LEU A 233 -15.23 7.72 9.64
N LEU A 234 -14.88 8.06 8.40
CA LEU A 234 -13.59 7.66 7.83
C LEU A 234 -12.79 8.83 7.26
N GLN A 235 -13.43 9.73 6.51
CA GLN A 235 -12.68 10.81 5.89
C GLN A 235 -11.97 11.72 6.89
N PRO A 236 -12.44 11.93 8.12
CA PRO A 236 -11.62 12.74 9.04
C PRO A 236 -10.25 12.15 9.28
N LEU A 237 -10.11 10.83 9.21
CA LEU A 237 -8.80 10.21 9.33
C LEU A 237 -7.93 10.54 8.14
N ARG A 238 -8.50 10.44 6.93
CA ARG A 238 -7.75 10.68 5.71
C ARG A 238 -7.32 12.12 5.59
N ARG A 239 -8.14 13.06 6.07
CA ARG A 239 -7.77 14.48 6.07
C ARG A 239 -6.47 14.71 6.83
N ARG A 240 -6.21 13.90 7.86
CA ARG A 240 -5.03 14.05 8.71
C ARG A 240 -3.91 13.13 8.29
N GLY A 241 -4.03 12.47 7.14
CA GLY A 241 -2.95 11.71 6.57
C GLY A 241 -3.01 10.22 6.79
N VAL A 242 -4.01 9.71 7.48
CA VAL A 242 -4.14 8.27 7.70
C VAL A 242 -4.66 7.62 6.44
N LYS A 243 -4.06 6.50 6.06
CA LYS A 243 -4.57 5.70 4.96
C LYS A 243 -5.58 4.72 5.54
N VAL A 244 -6.76 4.66 4.93
CA VAL A 244 -7.84 3.78 5.38
C VAL A 244 -8.02 2.68 4.34
N LEU A 245 -7.81 1.43 4.76
CA LEU A 245 -7.91 0.29 3.87
C LEU A 245 -9.14 -0.53 4.21
N LEU A 246 -9.75 -1.13 3.20
CA LEU A 246 -10.80 -2.12 3.39
C LEU A 246 -10.15 -3.47 3.63
N GLY A 247 -10.45 -4.11 4.74
CA GLY A 247 -10.02 -5.49 4.95
C GLY A 247 -10.97 -6.43 4.22
N LEU A 248 -10.37 -7.46 3.60
CA LEU A 248 -11.11 -8.56 3.01
C LEU A 248 -10.69 -9.85 3.70
N LEU A 249 -11.68 -10.73 3.92
CA LEU A 249 -11.52 -11.95 4.71
C LEU A 249 -12.47 -13.01 4.19
N GLY A 250 -12.02 -14.27 4.24
CA GLY A 250 -12.89 -15.39 3.93
C GLY A 250 -14.06 -15.49 4.89
N ASN A 251 -15.07 -16.25 4.49
CA ASN A 251 -16.34 -16.26 5.21
C ASN A 251 -17.18 -17.49 4.92
N HIS A 252 -16.57 -18.67 5.01
CA HIS A 252 -17.28 -19.94 5.19
C HIS A 252 -18.16 -20.30 3.99
N ASP A 253 -17.62 -20.15 2.79
CA ASP A 253 -18.21 -20.79 1.62
C ASP A 253 -17.08 -21.18 0.66
N ILE A 254 -17.46 -21.55 -0.56
CA ILE A 254 -16.50 -22.08 -1.53
C ILE A 254 -15.51 -21.03 -2.03
N THR A 255 -15.74 -19.75 -1.76
CA THR A 255 -14.85 -18.71 -2.26
C THR A 255 -13.77 -18.37 -1.22
N GLY A 256 -12.63 -17.91 -1.72
CA GLY A 256 -11.55 -17.50 -0.84
C GLY A 256 -10.50 -16.74 -1.61
N LEU A 257 -9.72 -15.97 -0.87
CA LEU A 257 -8.75 -15.04 -1.45
C LEU A 257 -7.53 -15.74 -2.01
N ALA A 258 -7.33 -17.02 -1.68
CA ALA A 258 -6.23 -17.81 -2.22
C ALA A 258 -6.74 -18.96 -3.09
N GLN A 259 -7.97 -18.86 -3.60
CA GLN A 259 -8.51 -19.94 -4.43
C GLN A 259 -9.34 -19.42 -5.60
N LEU A 260 -9.02 -18.24 -6.10
CA LEU A 260 -9.64 -17.73 -7.32
C LEU A 260 -8.77 -18.10 -8.52
N SER A 261 -9.43 -18.50 -9.60
CA SER A 261 -8.74 -18.67 -10.87
C SER A 261 -8.23 -17.32 -11.38
N GLU A 262 -7.50 -17.34 -12.49
CA GLU A 262 -7.05 -16.09 -13.08
C GLU A 262 -8.24 -15.18 -13.41
N GLN A 263 -9.25 -15.74 -14.08
CA GLN A 263 -10.42 -14.94 -14.41
C GLN A 263 -11.17 -14.48 -13.16
N GLY A 264 -11.32 -15.38 -12.18
CA GLY A 264 -12.00 -15.00 -10.95
C GLY A 264 -11.26 -13.89 -10.22
N ALA A 265 -9.93 -13.95 -10.24
CA ALA A 265 -9.13 -12.92 -9.58
C ALA A 265 -9.25 -11.58 -10.30
N LYS A 266 -9.25 -11.60 -11.63
CA LYS A 266 -9.44 -10.37 -12.39
C LYS A 266 -10.78 -9.73 -12.04
N ASP A 267 -11.84 -10.53 -12.01
CA ASP A 267 -13.16 -10.00 -11.71
C ASP A 267 -13.24 -9.48 -10.28
N PHE A 268 -12.67 -10.21 -9.32
CA PHE A 268 -12.76 -9.80 -7.92
C PHE A 268 -11.92 -8.54 -7.67
N ALA A 269 -10.74 -8.47 -8.29
CA ALA A 269 -9.89 -7.29 -8.17
C ALA A 269 -10.62 -6.05 -8.66
N ARG A 270 -11.35 -6.16 -9.76
CA ARG A 270 -12.12 -5.04 -10.27
C ARG A 270 -13.14 -4.57 -9.24
N GLU A 271 -13.81 -5.51 -8.57
CA GLU A 271 -14.80 -5.13 -7.57
C GLU A 271 -14.15 -4.45 -6.37
N VAL A 272 -13.00 -4.95 -5.92
CA VAL A 272 -12.29 -4.33 -4.81
C VAL A 272 -11.89 -2.91 -5.16
N ALA A 273 -11.35 -2.70 -6.36
CA ALA A 273 -10.98 -1.35 -6.78
C ALA A 273 -12.19 -0.44 -6.83
N GLN A 274 -13.33 -0.96 -7.27
CA GLN A 274 -14.55 -0.15 -7.31
CA GLN A 274 -14.56 -0.14 -7.32
C GLN A 274 -14.97 0.28 -5.92
N TYR A 275 -14.87 -0.61 -4.93
CA TYR A 275 -15.18 -0.23 -3.56
C TYR A 275 -14.26 0.89 -3.09
N CYS A 276 -12.97 0.78 -3.37
CA CYS A 276 -12.02 1.79 -2.90
C CYS A 276 -12.23 3.13 -3.57
N LYS A 277 -12.69 3.12 -4.83
CA LYS A 277 -13.02 4.37 -5.50
C LYS A 277 -14.34 4.94 -4.99
N ALA A 278 -15.37 4.09 -4.87
CA ALA A 278 -16.69 4.60 -4.50
C ALA A 278 -16.69 5.23 -3.11
N TYR A 279 -15.94 4.65 -2.17
CA TYR A 279 -15.94 5.10 -0.79
C TYR A 279 -14.68 5.89 -0.44
N ASN A 280 -13.86 6.21 -1.44
CA ASN A 280 -12.70 7.07 -1.28
CA ASN A 280 -12.69 7.07 -1.28
C ASN A 280 -11.77 6.54 -0.19
N LEU A 281 -11.31 5.32 -0.41
CA LEU A 281 -10.39 4.60 0.47
C LEU A 281 -9.02 4.49 -0.19
N ASP A 282 -8.06 3.93 0.56
CA ASP A 282 -6.68 3.96 0.14
C ASP A 282 -6.10 2.59 -0.21
N GLY A 283 -6.90 1.55 -0.22
CA GLY A 283 -6.44 0.23 -0.61
C GLY A 283 -7.09 -0.87 0.19
N VAL A 284 -6.41 -2.01 0.27
CA VAL A 284 -6.98 -3.24 0.77
C VAL A 284 -5.96 -4.01 1.60
N ASN A 285 -6.49 -4.79 2.55
CA ASN A 285 -5.74 -5.88 3.16
C ASN A 285 -6.44 -7.18 2.81
N TYR A 286 -5.66 -8.19 2.39
CA TYR A 286 -6.16 -9.53 2.15
C TYR A 286 -5.69 -10.47 3.25
N ASP A 287 -6.64 -11.18 3.87
CA ASP A 287 -6.38 -12.13 4.95
C ASP A 287 -7.08 -13.43 4.60
N ASP A 288 -6.28 -14.46 4.25
CA ASP A 288 -6.84 -15.75 3.83
C ASP A 288 -7.14 -16.61 5.06
N GLU A 289 -8.34 -16.41 5.61
CA GLU A 289 -8.82 -17.23 6.72
C GLU A 289 -10.32 -17.39 6.56
N TYR A 290 -10.83 -18.53 7.01
CA TYR A 290 -12.26 -18.86 7.17
C TYR A 290 -12.95 -19.34 5.91
N SER A 291 -12.25 -19.50 4.79
CA SER A 291 -12.89 -20.06 3.61
C SER A 291 -12.98 -21.58 3.72
N ASN A 292 -13.96 -22.15 3.04
CA ASN A 292 -14.08 -23.59 2.91
C ASN A 292 -13.46 -24.04 1.59
N SER A 293 -13.55 -25.33 1.31
CA SER A 293 -12.93 -25.88 0.11
C SER A 293 -13.68 -25.38 -1.13
N PRO A 294 -12.96 -25.06 -2.21
CA PRO A 294 -13.64 -24.55 -3.41
C PRO A 294 -14.35 -25.65 -4.18
N ASP A 295 -15.34 -25.21 -4.97
CA ASP A 295 -15.94 -26.05 -6.01
C ASP A 295 -15.07 -25.89 -7.25
N LEU A 296 -14.21 -26.87 -7.51
CA LEU A 296 -13.27 -26.79 -8.62
C LEU A 296 -13.95 -26.79 -9.98
N SER A 297 -15.25 -27.11 -10.04
CA SER A 297 -16.00 -27.01 -11.29
C SER A 297 -16.32 -25.57 -11.66
N ASN A 298 -16.24 -24.65 -10.71
CA ASN A 298 -16.60 -23.27 -11.00
C ASN A 298 -15.43 -22.55 -11.65
N PRO A 299 -15.62 -21.94 -12.83
CA PRO A 299 -14.47 -21.32 -13.52
C PRO A 299 -13.85 -20.16 -12.77
N SER A 300 -14.53 -19.60 -11.77
CA SER A 300 -13.96 -18.51 -10.99
CA SER A 300 -13.97 -18.51 -10.99
C SER A 300 -13.03 -19.00 -9.89
N LEU A 301 -12.97 -20.30 -9.64
CA LEU A 301 -12.21 -20.87 -8.53
C LEU A 301 -11.16 -21.86 -9.02
N THR A 302 -10.23 -22.18 -8.12
CA THR A 302 -9.15 -23.12 -8.41
C THR A 302 -8.68 -23.74 -7.11
N ASN A 303 -7.74 -24.67 -7.22
CA ASN A 303 -7.17 -25.28 -6.03
C ASN A 303 -6.55 -24.19 -5.16
N PRO A 304 -6.78 -24.21 -3.84
CA PRO A 304 -6.17 -23.18 -2.99
C PRO A 304 -4.66 -23.24 -3.08
N SER A 305 -4.04 -22.07 -3.30
CA SER A 305 -2.59 -22.04 -3.45
CA SER A 305 -2.59 -22.04 -3.43
C SER A 305 -2.09 -20.62 -3.28
N THR A 306 -0.84 -20.51 -2.83
CA THR A 306 -0.15 -19.22 -2.78
CA THR A 306 -0.18 -19.21 -2.78
C THR A 306 -0.04 -18.60 -4.17
N ALA A 307 -0.01 -19.43 -5.22
CA ALA A 307 0.04 -18.89 -6.57
C ALA A 307 -1.27 -18.17 -6.91
N ALA A 308 -2.40 -18.70 -6.46
CA ALA A 308 -3.68 -18.04 -6.69
C ALA A 308 -3.79 -16.75 -5.89
N ALA A 309 -3.29 -16.77 -4.66
CA ALA A 309 -3.26 -15.55 -3.84
C ALA A 309 -2.41 -14.47 -4.51
N ALA A 310 -1.24 -14.84 -5.01
CA ALA A 310 -0.38 -13.86 -5.68
C ALA A 310 -1.07 -13.29 -6.91
N ARG A 311 -1.73 -14.14 -7.68
CA ARG A 311 -2.50 -13.65 -8.82
C ARG A 311 -3.50 -12.58 -8.40
N LEU A 312 -4.24 -12.83 -7.31
CA LEU A 312 -5.20 -11.81 -6.87
C LEU A 312 -4.51 -10.52 -6.46
N CYS A 313 -3.39 -10.61 -5.74
CA CYS A 313 -2.68 -9.38 -5.36
C CYS A 313 -2.22 -8.60 -6.59
N TYR A 314 -1.64 -9.31 -7.56
CA TYR A 314 -1.17 -8.67 -8.79
C TYR A 314 -2.33 -8.01 -9.52
N GLU A 315 -3.43 -8.73 -9.71
CA GLU A 315 -4.55 -8.16 -10.44
C GLU A 315 -5.17 -6.98 -9.69
N THR A 316 -5.17 -7.04 -8.36
CA THR A 316 -5.68 -5.91 -7.59
C THR A 316 -4.81 -4.68 -7.77
N LYS A 317 -3.48 -4.84 -7.73
CA LYS A 317 -2.60 -3.70 -7.97
C LYS A 317 -2.82 -3.11 -9.35
N GLN A 318 -3.02 -3.97 -10.36
CA GLN A 318 -3.27 -3.48 -11.71
CA GLN A 318 -3.27 -3.48 -11.71
C GLN A 318 -4.54 -2.65 -11.78
N ALA A 319 -5.55 -3.00 -10.97
CA ALA A 319 -6.82 -2.29 -10.98
C ALA A 319 -6.79 -1.01 -10.15
N MET A 320 -5.89 -0.88 -9.19
CA MET A 320 -5.76 0.35 -8.40
C MET A 320 -4.29 0.61 -8.10
N PRO A 321 -3.53 1.00 -9.13
CA PRO A 321 -2.07 1.11 -8.96
C PRO A 321 -1.66 2.21 -8.01
N ASP A 322 -2.53 3.19 -7.76
CA ASP A 322 -2.27 4.27 -6.84
C ASP A 322 -2.53 3.91 -5.39
N LYS A 323 -3.09 2.74 -5.12
CA LYS A 323 -3.56 2.36 -3.79
CA LYS A 323 -3.53 2.38 -3.78
C LYS A 323 -2.75 1.19 -3.24
N LEU A 324 -2.85 0.99 -1.94
CA LEU A 324 -2.06 -0.03 -1.26
C LEU A 324 -2.70 -1.40 -1.42
N VAL A 325 -1.89 -2.38 -1.79
CA VAL A 325 -2.27 -3.78 -1.77
C VAL A 325 -1.42 -4.43 -0.69
N THR A 326 -2.07 -4.90 0.38
CA THR A 326 -1.37 -5.38 1.55
C THR A 326 -1.93 -6.74 1.95
N VAL A 327 -1.11 -7.53 2.63
CA VAL A 327 -1.54 -8.87 3.00
C VAL A 327 -1.18 -9.17 4.45
N PHE A 328 -2.05 -9.97 5.09
CA PHE A 328 -1.69 -10.71 6.28
C PHE A 328 -1.03 -12.02 5.82
N ASP A 329 0.18 -12.27 6.32
CA ASP A 329 0.88 -13.52 6.03
C ASP A 329 0.24 -14.62 6.88
N TRP A 330 -0.83 -15.19 6.32
CA TRP A 330 -1.62 -16.21 6.99
C TRP A 330 -2.27 -17.07 5.92
N GLY A 331 -2.58 -18.31 6.27
CA GLY A 331 -3.16 -19.19 5.27
C GLY A 331 -2.22 -19.31 4.09
N GLN A 332 -2.78 -19.22 2.88
CA GLN A 332 -2.00 -19.32 1.65
C GLN A 332 -1.88 -17.98 0.94
N MET A 333 -1.93 -16.89 1.70
CA MET A 333 -2.02 -15.56 1.09
C MET A 333 -0.68 -15.03 0.60
N TYR A 334 0.44 -15.55 1.09
CA TYR A 334 1.73 -14.94 0.81
C TYR A 334 2.81 -15.97 0.60
N GLY A 335 3.66 -15.73 -0.41
CA GLY A 335 4.82 -16.56 -0.59
C GLY A 335 5.31 -16.74 -2.01
N VAL A 336 4.44 -16.58 -2.99
CA VAL A 336 4.83 -16.61 -4.40
C VAL A 336 5.23 -15.20 -4.83
N ALA A 337 6.39 -15.09 -5.47
CA ALA A 337 7.04 -13.79 -5.62
C ALA A 337 7.00 -13.21 -7.02
N THR A 338 6.37 -13.90 -7.97
CA THR A 338 6.29 -13.41 -9.33
C THR A 338 4.96 -13.82 -9.93
N VAL A 339 4.35 -12.88 -10.65
CA VAL A 339 3.14 -13.16 -11.44
C VAL A 339 3.35 -12.52 -12.81
N ASP A 340 3.23 -13.32 -13.87
CA ASP A 340 3.35 -12.81 -15.23
C ASP A 340 4.66 -12.02 -15.41
N GLY A 341 5.72 -12.53 -14.80
CA GLY A 341 7.02 -11.91 -14.91
C GLY A 341 7.21 -10.66 -14.09
N VAL A 342 6.28 -10.32 -13.21
CA VAL A 342 6.33 -9.09 -12.42
C VAL A 342 6.60 -9.48 -10.97
N ASP A 343 7.67 -8.92 -10.39
CA ASP A 343 8.07 -9.25 -9.03
C ASP A 343 7.14 -8.65 -7.99
N ALA A 344 7.03 -9.35 -6.86
CA ALA A 344 6.14 -8.95 -5.78
C ALA A 344 6.41 -7.54 -5.26
N LYS A 345 7.62 -7.00 -5.45
CA LYS A 345 7.88 -5.62 -5.03
C LYS A 345 6.87 -4.67 -5.63
N GLU A 346 6.33 -4.99 -6.81
CA GLU A 346 5.42 -4.09 -7.48
C GLU A 346 3.97 -4.23 -7.03
N TRP A 347 3.61 -5.32 -6.34
CA TRP A 347 2.22 -5.57 -6.03
C TRP A 347 1.95 -6.02 -4.60
N ILE A 348 2.96 -6.09 -3.73
CA ILE A 348 2.74 -6.19 -2.28
C ILE A 348 3.38 -4.96 -1.66
N ASP A 349 2.55 -4.01 -1.19
CA ASP A 349 3.10 -2.81 -0.59
C ASP A 349 3.50 -3.03 0.87
N ILE A 350 2.70 -3.79 1.62
CA ILE A 350 2.96 -4.05 3.03
C ILE A 350 2.53 -5.49 3.33
N VAL A 351 3.36 -6.21 4.09
CA VAL A 351 2.99 -7.52 4.61
C VAL A 351 3.15 -7.51 6.11
N VAL A 352 2.15 -8.03 6.81
CA VAL A 352 2.17 -8.13 8.28
C VAL A 352 2.06 -9.60 8.65
N ALA A 353 2.73 -9.97 9.74
CA ALA A 353 2.83 -11.37 10.12
C ALA A 353 2.05 -11.67 11.40
N ASN A 354 1.97 -12.96 11.69
CA ASN A 354 1.31 -13.45 12.89
C ASN A 354 1.97 -12.89 14.15
N TYR A 355 1.15 -12.76 15.21
CA TYR A 355 1.62 -12.28 16.51
C TYR A 355 2.81 -13.10 17.00
N GLY A 356 3.86 -12.40 17.41
CA GLY A 356 5.07 -13.03 17.88
C GLY A 356 6.13 -13.22 16.81
N SER A 357 5.86 -12.82 15.57
CA SER A 357 6.79 -12.95 14.48
C SER A 357 6.93 -11.62 13.76
N ALA A 358 8.05 -11.44 13.07
CA ALA A 358 8.23 -10.37 12.10
C ALA A 358 7.97 -10.92 10.71
N ALA A 359 7.38 -10.10 9.85
CA ALA A 359 7.21 -10.51 8.46
C ALA A 359 8.55 -10.52 7.75
N TYR A 360 8.59 -11.19 6.61
CA TYR A 360 9.80 -11.26 5.80
C TYR A 360 9.47 -10.92 4.36
N PRO A 361 10.43 -10.36 3.63
CA PRO A 361 10.22 -10.02 2.22
C PRO A 361 10.42 -11.23 1.33
N ILE A 362 9.77 -11.20 0.16
CA ILE A 362 9.98 -12.17 -0.91
C ILE A 362 10.30 -11.41 -2.19
N GLY A 363 10.81 -12.13 -3.17
CA GLY A 363 11.21 -11.49 -4.42
C GLY A 363 12.24 -10.40 -4.16
N GLN A 364 12.00 -9.21 -4.70
CA GLN A 364 12.87 -8.07 -4.51
C GLN A 364 12.32 -7.07 -3.49
N MET A 365 11.32 -7.49 -2.71
CA MET A 365 10.86 -6.65 -1.62
C MET A 365 11.98 -6.42 -0.61
N THR A 366 11.81 -5.38 0.20
CA THR A 366 12.74 -5.11 1.29
C THR A 366 12.01 -5.24 2.63
N LYS A 367 12.79 -5.24 3.71
N LYS A 367 12.78 -5.25 3.71
CA LYS A 367 12.20 -5.28 5.05
CA LYS A 367 12.16 -5.28 5.04
C LYS A 367 11.39 -4.02 5.37
C LYS A 367 11.39 -4.02 5.37
N LYS A 368 11.59 -2.93 4.62
CA LYS A 368 10.78 -1.74 4.84
C LYS A 368 9.31 -1.99 4.49
N GLN A 369 9.01 -3.06 3.76
CA GLN A 369 7.63 -3.44 3.45
CA GLN A 369 7.62 -3.41 3.48
C GLN A 369 7.05 -4.38 4.49
N CYS A 370 7.79 -4.66 5.56
CA CYS A 370 7.42 -5.71 6.51
C CYS A 370 7.23 -5.18 7.92
N SER A 371 6.30 -5.82 8.64
CA SER A 371 6.14 -5.57 10.06
C SER A 371 7.24 -6.26 10.86
N GLY A 372 7.74 -5.57 11.87
CA GLY A 372 8.71 -6.14 12.79
C GLY A 372 8.09 -6.65 14.08
N ILE A 373 6.81 -6.33 14.29
CA ILE A 373 6.05 -6.77 15.46
C ILE A 373 4.58 -6.75 15.08
N SER A 374 3.82 -7.69 15.63
CA SER A 374 2.37 -7.70 15.51
C SER A 374 1.78 -7.92 16.90
N MET A 375 0.93 -6.99 17.32
CA MET A 375 0.39 -6.98 18.67
C MET A 375 -1.12 -7.21 18.61
N GLU A 376 -1.57 -8.28 19.27
N GLU A 376 -1.58 -8.27 19.29
CA GLU A 376 -2.99 -8.57 19.42
CA GLU A 376 -3.02 -8.56 19.39
C GLU A 376 -3.46 -7.82 20.66
C GLU A 376 -3.49 -7.85 20.64
N PHE A 377 -4.15 -6.70 20.44
CA PHE A 377 -4.52 -5.82 21.54
C PHE A 377 -5.72 -6.32 22.33
N ASN A 378 -6.56 -7.16 21.72
CA ASN A 378 -7.73 -7.69 22.41
C ASN A 378 -7.37 -8.95 23.20
N LEU A 379 -6.54 -9.83 22.64
CA LEU A 379 -6.22 -11.11 23.25
C LEU A 379 -4.88 -11.15 23.96
N GLY A 380 -3.93 -10.26 23.63
CA GLY A 380 -2.76 -10.03 24.45
C GLY A 380 -1.43 -10.45 23.84
N GLY A 381 -1.42 -11.27 22.81
CA GLY A 381 -0.15 -11.80 22.30
C GLY A 381 0.62 -10.80 21.45
N GLY A 382 1.91 -11.11 21.26
CA GLY A 382 2.75 -10.40 20.31
C GLY A 382 3.73 -9.42 20.89
N GLY A 383 3.69 -9.14 22.18
CA GLY A 383 4.66 -8.28 22.81
C GLY A 383 4.26 -6.82 22.84
N SER A 384 5.26 -5.98 23.11
CA SER A 384 5.05 -4.55 23.28
C SER A 384 6.01 -3.74 22.42
N LEU A 385 5.57 -2.53 22.07
CA LEU A 385 6.39 -1.58 21.33
C LEU A 385 7.22 -0.76 22.32
N SER A 386 8.14 -1.45 22.97
CA SER A 386 9.00 -0.85 23.96
C SER A 386 10.17 -0.13 23.29
N ALA A 387 10.95 0.61 24.09
CA ALA A 387 12.14 1.25 23.56
C ALA A 387 13.09 0.22 22.95
N SER A 388 13.31 -0.88 23.68
CA SER A 388 14.23 -1.90 23.19
CA SER A 388 14.23 -1.91 23.20
C SER A 388 13.72 -2.56 21.92
N LYS A 389 12.42 -2.85 21.86
CA LYS A 389 11.87 -3.49 20.67
C LYS A 389 11.92 -2.53 19.48
N ALA A 390 11.59 -1.26 19.72
CA ALA A 390 11.69 -0.27 18.65
C ALA A 390 13.10 -0.25 18.06
N GLN A 391 14.13 -0.20 18.92
CA GLN A 391 15.49 -0.15 18.41
C GLN A 391 15.85 -1.43 17.66
N SER A 392 15.39 -2.58 18.17
CA SER A 392 15.62 -3.84 17.49
C SER A 392 15.02 -3.82 16.08
N MET A 393 13.81 -3.29 15.94
CA MET A 393 13.19 -3.24 14.62
C MET A 393 13.90 -2.27 13.71
N ILE A 394 14.34 -1.13 14.24
CA ILE A 394 15.15 -0.20 13.46
C ILE A 394 16.42 -0.89 12.97
N ASP A 395 17.11 -1.57 13.89
CA ASP A 395 18.35 -2.24 13.54
C ASP A 395 18.14 -3.27 12.44
N GLY A 396 16.97 -3.93 12.45
CA GLY A 396 16.64 -4.92 11.44
C GLY A 396 16.11 -4.37 10.14
N GLY A 397 15.86 -3.07 10.07
CA GLY A 397 15.38 -2.47 8.84
C GLY A 397 13.90 -2.62 8.58
N TYR A 398 13.10 -2.93 9.61
CA TYR A 398 11.67 -3.11 9.40
C TYR A 398 10.97 -1.77 9.23
N GLY A 399 9.94 -1.78 8.40
CA GLY A 399 9.21 -0.56 8.12
C GLY A 399 7.94 -0.31 8.92
N TRP A 400 7.40 -1.36 9.55
CA TRP A 400 6.05 -1.31 10.10
C TRP A 400 6.00 -1.98 11.47
N PHE A 401 5.11 -1.48 12.31
CA PHE A 401 4.62 -2.21 13.47
C PHE A 401 3.11 -2.35 13.33
N MET A 402 2.59 -3.53 13.67
CA MET A 402 1.18 -3.84 13.45
C MET A 402 0.49 -4.05 14.78
N GLY A 403 -0.76 -3.59 14.84
CA GLY A 403 -1.63 -3.86 15.95
C GLY A 403 -3.00 -4.29 15.47
N PHE A 404 -3.66 -5.11 16.28
CA PHE A 404 -4.94 -5.71 15.92
C PHE A 404 -5.95 -5.56 17.05
N ALA A 405 -7.08 -4.93 16.75
CA ALA A 405 -8.28 -4.92 17.59
C ALA A 405 -8.14 -4.17 18.90
N PRO A 406 -7.70 -2.91 18.87
CA PRO A 406 -7.80 -2.09 20.08
C PRO A 406 -9.25 -1.71 20.33
N SER A 407 -9.57 -1.45 21.60
CA SER A 407 -10.91 -0.99 21.97
CA SER A 407 -10.89 -0.95 21.94
C SER A 407 -10.78 -0.03 23.13
N PRO A 408 -11.62 1.01 23.20
CA PRO A 408 -11.54 1.94 24.34
C PRO A 408 -11.60 1.25 25.70
N ALA A 409 -12.41 0.21 25.84
CA ALA A 409 -12.51 -0.49 27.11
C ALA A 409 -11.19 -1.10 27.55
N LYS A 410 -10.27 -1.35 26.62
CA LYS A 410 -8.97 -1.95 26.94
C LYS A 410 -7.81 -0.97 26.74
N TYR A 411 -8.09 0.34 26.75
CA TYR A 411 -7.02 1.28 26.47
C TYR A 411 -5.91 1.23 27.52
N GLY A 412 -6.24 0.90 28.77
CA GLY A 412 -5.18 0.75 29.76
C GLY A 412 -4.11 -0.22 29.32
N SER A 413 -4.53 -1.42 28.91
CA SER A 413 -3.59 -2.44 28.44
CA SER A 413 -3.58 -2.42 28.45
C SER A 413 -2.94 -2.00 27.12
N VAL A 414 -3.74 -1.52 26.18
CA VAL A 414 -3.21 -1.14 24.87
C VAL A 414 -2.10 -0.10 25.02
N PHE A 415 -2.36 0.98 25.76
CA PHE A 415 -1.37 2.03 25.84
C PHE A 415 -0.17 1.64 26.67
N SER A 416 -0.34 0.73 27.64
CA SER A 416 0.80 0.21 28.37
CA SER A 416 0.80 0.20 28.37
C SER A 416 1.79 -0.47 27.43
N ARG A 417 1.29 -1.08 26.35
CA ARG A 417 2.14 -1.77 25.39
C ARG A 417 2.77 -0.82 24.38
N LEU A 418 2.49 0.48 24.48
CA LEU A 418 3.07 1.48 23.58
C LEU A 418 4.03 2.41 24.30
N GLN A 419 4.36 2.12 25.55
CA GLN A 419 5.27 3.00 26.28
CA GLN A 419 5.27 2.97 26.32
C GLN A 419 6.70 2.81 25.81
N GLY A 420 7.44 3.91 25.79
CA GLY A 420 8.85 3.88 25.43
C GLY A 420 9.17 3.87 23.96
N GLY A 421 8.36 3.20 23.15
CA GLY A 421 8.71 3.01 21.75
C GLY A 421 8.71 4.30 20.95
N GLY A 422 7.77 5.20 21.24
CA GLY A 422 7.64 6.41 20.44
C GLY A 422 8.84 7.32 20.56
N GLU A 423 9.43 7.42 21.75
CA GLU A 423 10.63 8.23 21.88
C GLU A 423 11.74 7.72 20.97
N VAL A 424 11.86 6.40 20.83
CA VAL A 424 12.91 5.83 19.98
C VAL A 424 12.57 6.05 18.51
N LEU A 425 11.31 5.81 18.14
CA LEU A 425 10.97 5.87 16.72
C LEU A 425 10.82 7.28 16.20
N TYR A 426 10.40 8.22 17.05
CA TYR A 426 9.94 9.53 16.60
C TYR A 426 10.43 10.67 17.47
N GLY A 427 11.10 10.40 18.59
CA GLY A 427 11.48 11.45 19.51
C GLY A 427 10.34 12.01 20.33
N SER A 428 9.22 11.31 20.39
CA SER A 428 8.05 11.74 21.15
C SER A 428 7.28 10.48 21.52
N ASN A 429 7.10 10.25 22.81
CA ASN A 429 6.36 9.08 23.24
C ASN A 429 4.87 9.23 22.95
N VAL A 430 4.19 8.07 22.88
CA VAL A 430 2.74 8.05 22.77
C VAL A 430 2.14 8.68 24.02
N ALA A 431 1.16 9.55 23.82
CA ALA A 431 0.51 10.24 24.92
C ALA A 431 -0.64 9.40 25.46
N ALA A 432 -0.96 9.61 26.73
CA ALA A 432 -2.14 8.99 27.30
C ALA A 432 -3.37 9.47 26.53
N PRO A 433 -4.33 8.59 26.27
CA PRO A 433 -5.52 9.00 25.51
C PRO A 433 -6.44 9.89 26.35
N THR A 434 -7.03 10.89 25.68
CA THR A 434 -8.03 11.76 26.30
C THR A 434 -9.37 11.73 25.60
N ILE A 435 -9.48 11.03 24.47
CA ILE A 435 -10.69 11.00 23.65
C ILE A 435 -10.92 9.56 23.24
N PHE A 436 -12.19 9.18 23.14
CA PHE A 436 -12.57 7.93 22.48
C PHE A 436 -13.90 8.14 21.77
N TYR A 437 -14.23 7.17 20.90
CA TYR A 437 -15.46 7.20 20.11
C TYR A 437 -16.25 5.92 20.33
N LYS A 438 -17.57 6.07 20.40
CA LYS A 438 -18.50 4.94 20.47
C LYS A 438 -18.89 4.50 19.06
N LYS A 439 -19.33 3.25 18.95
CA LYS A 439 -19.64 2.67 17.65
C LYS A 439 -20.67 3.53 16.92
N ASN A 440 -20.37 3.83 15.66
CA ASN A 440 -21.24 4.53 14.72
C ASN A 440 -21.57 5.96 15.13
N ASP A 441 -20.81 6.54 16.05
CA ASP A 441 -21.10 7.85 16.62
C ASP A 441 -19.90 8.74 16.37
N PRO A 442 -20.07 9.90 15.71
CA PRO A 442 -18.94 10.79 15.44
C PRO A 442 -18.51 11.63 16.64
N THR A 443 -19.19 11.54 17.76
CA THR A 443 -18.96 12.44 18.88
C THR A 443 -17.67 12.06 19.61
N PRO A 444 -16.74 13.00 19.80
CA PRO A 444 -15.55 12.72 20.61
C PRO A 444 -15.89 12.76 22.10
N TYR A 445 -15.86 11.59 22.73
CA TYR A 445 -16.13 11.47 24.16
C TYR A 445 -14.83 11.60 24.95
N LYS A 446 -14.94 12.00 26.20
CA LYS A 446 -13.77 12.13 27.05
C LYS A 446 -13.36 10.77 27.58
N TYR A 447 -12.08 10.41 27.38
CA TYR A 447 -11.54 9.20 27.98
C TYR A 447 -10.83 9.57 29.28
N PRO A 448 -11.12 8.89 30.41
CA PRO A 448 -12.03 7.76 30.55
C PRO A 448 -13.42 8.10 31.08
N ASP A 449 -13.66 9.39 31.37
CA ASP A 449 -14.85 9.76 32.14
C ASP A 449 -16.14 9.30 31.47
N ASP A 450 -16.19 9.33 30.13
CA ASP A 450 -17.45 9.03 29.44
C ASP A 450 -17.62 7.56 29.08
N LEU A 451 -16.70 6.69 29.50
CA LEU A 451 -16.85 5.28 29.19
C LEU A 451 -18.13 4.70 29.78
C1 GOL B . 2.22 5.19 26.31
O1 GOL B . 3.33 6.06 26.26
C2 GOL B . 1.50 5.33 27.65
O2 GOL B . 2.38 5.38 28.74
C3 GOL B . 0.67 6.62 27.58
O3 GOL B . -0.06 6.71 28.81
H11 GOL B . 2.48 4.26 26.20
H12 GOL B . 1.59 5.38 25.60
HO1 GOL B . 3.35 6.38 25.48
H2 GOL B . 0.93 4.55 27.75
HO2 GOL B . 2.04 4.94 29.37
H31 GOL B . 1.26 7.37 27.44
H32 GOL B . 0.10 6.59 26.80
HO3 GOL B . 0.24 7.40 29.21
C1 GOL C . 15.48 -11.89 1.34
O1 GOL C . 15.26 -12.08 2.73
C2 GOL C . 16.39 -10.68 1.17
O2 GOL C . 16.44 -10.31 -0.21
C3 GOL C . 17.76 -11.05 1.69
O3 GOL C . 18.50 -9.83 1.76
H11 GOL C . 15.90 -12.65 0.92
H12 GOL C . 14.65 -11.73 0.86
H2 GOL C . 16.04 -9.93 1.68
HO2 GOL C . 15.65 -10.19 -0.47
H31 GOL C . 18.15 -11.71 1.11
H32 GOL C . 17.66 -11.49 2.56
HO3 GOL C . 19.28 -10.03 2.04
#